data_5C1V
#
_entry.id   5C1V
#
_cell.length_a   185.008
_cell.length_b   185.008
_cell.length_c   106.744
_cell.angle_alpha   90.00
_cell.angle_beta   90.00
_cell.angle_gamma   120.00
#
_symmetry.space_group_name_H-M   'P 62 2 2'
#
loop_
_entity.id
_entity.type
_entity.pdbx_description
1 polymer 'Serine/threonine-protein phosphatase 2B catalytic subunit alpha isoform'
2 non-polymer 'FE (III) ION'
3 non-polymer 'ZINC ION'
4 non-polymer 'PHOSPHATE ION'
#
_entity_poly.entity_id   1
_entity_poly.type   'polypeptide(L)'
_entity_poly.pdbx_seq_one_letter_code
;SEPKAIDPKLSTTDRVVKAVPFPPSHRLTAKEVFDNDGKPRVDILKAHLMKEGRLEESVALRIITEGASILRQEKNLLDI
DAPVTVCGDIHGQFFDLMKLFEVGGSPANTRYLFLGDYVDRGYFSIECVLYLWALKILYPKTLFLLRGNHECRHLTEYFT
FKQECKIKYSERVYDACMDAFDCLPLAALMNQQFLCVHGGLSPEINTLDDIRKLDRFKEPPAYGPMCDILWSDPLEDFGN
EKTQEHFTHNTVRGCSYFYSYPAVCEFLQHNNLLSILRAHEAQDAGYRMYRKSQTTGFPSLITIFSAPNYLDVYNNKAAV
LKYENNVMNIRQFNCSPHPSWAPNFD
;
_entity_poly.pdbx_strand_id   A,B
#
loop_
_chem_comp.id
_chem_comp.type
_chem_comp.name
_chem_comp.formula
FE non-polymer 'FE (III) ION' 'Fe 3'
PO4 non-polymer 'PHOSPHATE ION' 'O4 P -3'
ZN non-polymer 'ZINC ION' 'Zn 2'
#
# COMPACT_ATOMS: atom_id res chain seq x y z
N PRO A 23 21.48 -2.70 32.15
CA PRO A 23 21.02 -1.26 32.19
C PRO A 23 21.88 -0.36 33.13
N PRO A 24 22.55 0.68 32.57
CA PRO A 24 23.61 1.28 33.39
C PRO A 24 23.10 2.32 34.39
N SER A 25 23.57 2.20 35.64
CA SER A 25 23.31 3.18 36.70
C SER A 25 23.80 4.56 36.34
N HIS A 26 24.64 4.69 35.32
CA HIS A 26 25.01 6.02 34.86
C HIS A 26 23.83 6.79 34.28
N ARG A 27 23.71 8.05 34.68
CA ARG A 27 22.59 8.87 34.21
C ARG A 27 23.24 9.89 33.35
N LEU A 28 22.91 9.94 32.07
CA LEU A 28 23.61 10.84 31.17
C LEU A 28 23.61 12.31 31.55
N THR A 29 24.74 12.99 31.43
CA THR A 29 24.85 14.40 31.73
C THR A 29 24.52 15.25 30.49
N ALA A 30 24.35 16.55 30.65
CA ALA A 30 23.98 17.43 29.56
C ALA A 30 25.03 17.45 28.47
N LYS A 31 26.29 17.42 28.91
CA LYS A 31 27.42 17.52 27.96
C LYS A 31 27.59 16.23 27.18
N GLU A 32 27.16 15.10 27.76
CA GLU A 32 27.21 13.84 27.07
C GLU A 32 26.17 13.91 26.00
N VAL A 33 25.02 14.51 26.33
CA VAL A 33 23.82 14.42 25.47
C VAL A 33 23.61 15.49 24.42
N PHE A 34 24.13 16.70 24.70
CA PHE A 34 24.04 17.85 23.79
C PHE A 34 25.43 18.30 23.47
N ASP A 35 25.72 18.49 22.20
CA ASP A 35 26.98 19.23 21.87
C ASP A 35 26.87 20.68 22.32
N ASN A 36 27.98 21.39 22.32
CA ASN A 36 28.04 22.75 22.77
C ASN A 36 27.14 23.73 22.00
N ASP A 37 26.88 23.36 20.75
CA ASP A 37 25.95 24.13 19.94
C ASP A 37 24.53 23.95 20.39
N GLY A 38 24.27 23.00 21.29
CA GLY A 38 22.90 22.86 21.81
C GLY A 38 22.07 21.83 21.05
N LYS A 39 22.64 21.24 20.00
CA LYS A 39 21.98 20.16 19.37
C LYS A 39 22.38 18.83 20.00
N PRO A 40 21.41 17.93 20.07
CA PRO A 40 21.49 16.69 20.77
C PRO A 40 22.19 15.66 19.95
N ARG A 41 22.92 14.77 20.61
CA ARG A 41 23.59 13.66 19.95
C ARG A 41 22.66 12.47 20.13
N VAL A 42 21.77 12.33 19.18
CA VAL A 42 20.75 11.29 19.23
C VAL A 42 21.22 9.84 19.18
N ASP A 43 22.33 9.55 18.51
CA ASP A 43 22.87 8.24 18.41
C ASP A 43 23.33 7.77 19.80
N ILE A 44 24.05 8.64 20.49
CA ILE A 44 24.47 8.36 21.87
C ILE A 44 23.29 8.22 22.77
N LEU A 45 22.28 9.06 22.59
CA LEU A 45 21.02 9.06 23.35
C LEU A 45 20.23 7.74 23.18
N LYS A 46 20.00 7.38 21.93
CA LYS A 46 19.33 6.16 21.57
C LYS A 46 20.00 4.96 22.19
N ALA A 47 21.32 4.85 22.09
CA ALA A 47 22.06 3.69 22.63
C ALA A 47 21.90 3.54 24.16
N HIS A 48 22.09 4.63 24.88
CA HIS A 48 21.94 4.66 26.32
C HIS A 48 20.50 4.26 26.70
N LEU A 49 19.50 4.82 26.04
CA LEU A 49 18.08 4.51 26.34
C LEU A 49 17.69 3.06 26.04
N MET A 50 18.25 2.50 24.98
CA MET A 50 18.00 1.12 24.66
C MET A 50 18.55 0.15 25.65
N LYS A 51 19.41 0.60 26.58
CA LYS A 51 19.93 -0.24 27.64
C LYS A 51 19.06 -0.01 28.85
N GLU A 52 18.02 0.81 28.69
CA GLU A 52 17.18 1.21 29.80
C GLU A 52 17.94 2.22 30.60
N GLY A 53 18.61 3.12 29.90
CA GLY A 53 19.35 4.15 30.61
C GLY A 53 18.39 5.22 31.02
N ARG A 54 18.82 6.03 31.95
CA ARG A 54 18.06 7.21 32.32
C ARG A 54 19.02 8.37 32.12
N LEU A 55 18.43 9.56 32.14
CA LEU A 55 19.16 10.79 32.03
C LEU A 55 19.14 11.49 33.35
N GLU A 56 19.96 12.51 33.51
CA GLU A 56 19.88 13.29 34.70
C GLU A 56 18.53 13.93 34.53
N GLU A 57 17.76 14.06 35.59
CA GLU A 57 16.48 14.72 35.43
C GLU A 57 16.63 16.09 34.76
N SER A 58 17.66 16.87 35.16
CA SER A 58 18.11 18.16 34.58
C SER A 58 18.02 18.15 33.04
N VAL A 59 18.60 17.09 32.50
CA VAL A 59 18.81 16.94 31.08
C VAL A 59 17.52 16.63 30.43
N ALA A 60 16.70 15.83 31.10
CA ALA A 60 15.39 15.42 30.58
C ALA A 60 14.48 16.63 30.46
N LEU A 61 14.55 17.50 31.49
CA LEU A 61 13.71 18.68 31.47
C LEU A 61 14.06 19.64 30.36
N ARG A 62 15.37 19.70 30.07
CA ARG A 62 15.85 20.59 29.04
C ARG A 62 15.34 20.16 27.69
N ILE A 63 15.39 18.84 27.47
CA ILE A 63 14.91 18.30 26.21
C ILE A 63 13.48 18.61 26.06
N ILE A 64 12.69 18.39 27.12
CA ILE A 64 11.23 18.61 27.01
C ILE A 64 10.88 20.08 26.80
N THR A 65 11.48 20.95 27.62
CA THR A 65 11.17 22.34 27.47
C THR A 65 11.72 22.93 26.18
N GLU A 66 12.91 22.54 25.76
CA GLU A 66 13.44 23.09 24.51
C GLU A 66 12.59 22.61 23.32
N GLY A 67 12.12 21.37 23.44
CA GLY A 67 11.31 20.78 22.40
C GLY A 67 9.99 21.47 22.33
N ALA A 68 9.40 21.73 23.48
CA ALA A 68 8.10 22.41 23.57
C ALA A 68 8.15 23.83 23.02
N SER A 69 9.28 24.53 23.18
CA SER A 69 9.41 25.90 22.65
C SER A 69 9.30 25.94 21.14
N ILE A 70 9.78 24.90 20.50
CA ILE A 70 9.70 24.73 19.08
C ILE A 70 8.28 24.38 18.67
N LEU A 71 7.68 23.50 19.45
CA LEU A 71 6.35 23.01 19.14
C LEU A 71 5.42 24.15 19.28
N ARG A 72 5.60 24.95 20.35
CA ARG A 72 4.56 25.99 20.57
C ARG A 72 4.48 27.02 19.45
N GLN A 73 5.54 27.19 18.69
CA GLN A 73 5.56 28.12 17.57
C GLN A 73 5.05 27.48 16.27
N GLU A 74 4.77 26.18 16.28
CA GLU A 74 4.09 25.57 15.12
C GLU A 74 2.58 25.86 15.10
N LYS A 75 1.93 25.64 13.96
CA LYS A 75 0.51 25.97 13.77
C LYS A 75 -0.40 24.82 14.23
N ASN A 76 -1.68 25.12 14.45
CA ASN A 76 -2.65 24.12 14.88
C ASN A 76 -2.63 23.05 13.81
N LEU A 77 -2.61 23.57 12.59
CA LEU A 77 -2.63 22.72 11.41
C LEU A 77 -1.36 22.99 10.63
N LEU A 78 -0.44 22.02 10.70
CA LEU A 78 0.85 22.07 9.99
C LEU A 78 0.69 21.87 8.51
N ASP A 79 1.64 22.39 7.73
CA ASP A 79 1.55 22.33 6.25
C ASP A 79 2.80 21.71 5.65
N ILE A 80 2.72 20.42 5.33
CA ILE A 80 3.88 19.62 5.01
C ILE A 80 3.84 19.28 3.54
N ASP A 81 5.02 19.33 2.91
CA ASP A 81 5.17 18.82 1.57
C ASP A 81 5.67 17.40 1.63
N ALA A 82 5.37 16.61 0.60
CA ALA A 82 5.83 15.25 0.54
C ALA A 82 7.23 15.28 -0.03
N PRO A 83 7.97 14.20 0.07
CA PRO A 83 7.69 12.89 0.60
C PRO A 83 7.71 12.90 2.13
N VAL A 84 7.10 11.91 2.70
CA VAL A 84 7.03 11.82 4.11
C VAL A 84 6.73 10.36 4.41
N THR A 85 7.13 9.95 5.59
CA THR A 85 6.69 8.69 6.15
C THR A 85 5.80 9.05 7.31
N VAL A 86 4.53 8.66 7.24
CA VAL A 86 3.53 8.97 8.28
C VAL A 86 3.23 7.78 9.18
N CYS A 87 3.26 8.05 10.47
CA CYS A 87 3.25 7.02 11.49
C CYS A 87 2.19 7.14 12.51
N GLY A 88 1.87 5.99 13.05
CA GLY A 88 0.73 5.93 13.93
C GLY A 88 1.04 5.87 15.42
N ASP A 89 0.12 5.24 16.17
CA ASP A 89 0.30 4.97 17.64
C ASP A 89 1.64 4.27 18.02
N ILE A 90 2.17 4.65 19.17
CA ILE A 90 3.39 4.02 19.66
C ILE A 90 3.06 3.34 20.93
N HIS A 91 2.46 4.10 21.84
CA HIS A 91 2.11 3.59 23.19
C HIS A 91 3.32 3.01 23.92
N GLY A 92 4.31 3.86 24.04
CA GLY A 92 5.51 3.53 24.77
C GLY A 92 6.27 2.27 24.40
N GLN A 93 6.10 1.79 23.16
CA GLN A 93 6.82 0.62 22.72
C GLN A 93 8.12 1.16 22.10
N PHE A 94 8.95 1.72 22.97
CA PHE A 94 10.21 2.36 22.56
C PHE A 94 11.04 1.56 21.61
N PHE A 95 11.15 0.26 21.92
CA PHE A 95 11.96 -0.65 21.14
C PHE A 95 11.40 -0.92 19.76
N ASP A 96 10.09 -0.75 19.58
CA ASP A 96 9.47 -0.92 18.25
C ASP A 96 9.62 0.41 17.50
N LEU A 97 9.75 1.51 18.25
CA LEU A 97 9.99 2.82 17.62
C LEU A 97 11.36 2.79 16.96
N MET A 98 12.34 2.18 17.61
CA MET A 98 13.71 2.10 17.04
C MET A 98 13.64 1.32 15.77
N LYS A 99 12.85 0.26 15.77
CA LYS A 99 12.65 -0.54 14.57
C LYS A 99 11.93 0.25 13.49
N LEU A 100 10.94 1.03 13.89
CA LEU A 100 10.20 1.85 12.97
C LEU A 100 11.15 2.78 12.21
N PHE A 101 12.08 3.45 12.88
CA PHE A 101 13.04 4.32 12.16
C PHE A 101 13.94 3.57 11.22
N GLU A 102 14.23 2.34 11.57
CA GLU A 102 15.04 1.51 10.67
C GLU A 102 14.25 1.27 9.37
N VAL A 103 12.99 0.86 9.47
CA VAL A 103 12.11 0.63 8.32
C VAL A 103 11.78 1.91 7.52
N GLY A 104 11.61 3.00 8.24
CA GLY A 104 11.17 4.26 7.65
C GLY A 104 12.27 5.11 7.08
N GLY A 105 13.48 4.92 7.56
CA GLY A 105 14.55 5.73 7.07
C GLY A 105 15.00 6.62 8.17
N SER A 106 16.31 6.90 8.20
CA SER A 106 16.85 7.77 9.22
C SER A 106 16.28 9.20 9.14
N PRO A 107 16.05 9.79 10.29
CA PRO A 107 15.38 11.07 10.30
C PRO A 107 16.26 12.18 9.76
N ALA A 108 17.53 11.85 9.55
CA ALA A 108 18.46 12.84 9.01
C ALA A 108 18.13 13.12 7.56
N ASN A 109 17.68 12.07 6.87
CA ASN A 109 17.32 12.15 5.45
C ASN A 109 15.88 11.78 5.17
N THR A 110 15.10 11.59 6.23
CA THR A 110 13.70 11.17 6.08
C THR A 110 12.72 12.14 6.78
N ARG A 111 11.58 12.44 6.16
CA ARG A 111 10.64 13.42 6.67
C ARG A 111 9.60 12.59 7.37
N TYR A 112 9.26 12.92 8.60
CA TYR A 112 8.34 12.11 9.44
C TYR A 112 7.17 12.91 10.01
N LEU A 113 6.01 12.24 10.08
CA LEU A 113 4.86 12.81 10.77
C LEU A 113 4.23 11.82 11.65
N PHE A 114 4.22 12.05 12.97
CA PHE A 114 3.60 11.09 13.86
C PHE A 114 2.22 11.57 14.28
N LEU A 115 1.26 10.65 14.29
CA LEU A 115 -0.10 11.01 14.70
C LEU A 115 -0.37 10.46 16.14
N GLY A 116 0.45 10.93 17.04
CA GLY A 116 0.08 10.86 18.45
C GLY A 116 0.13 9.51 19.10
N ASP A 117 -0.33 9.49 20.38
CA ASP A 117 -0.39 8.35 21.32
C ASP A 117 1.00 7.72 21.49
N TYR A 118 1.88 8.55 22.08
CA TYR A 118 3.28 8.21 22.23
C TYR A 118 3.48 7.44 23.53
N VAL A 119 2.56 7.65 24.47
CA VAL A 119 2.70 7.20 25.82
C VAL A 119 1.60 6.25 26.29
N ASP A 120 1.81 5.73 27.50
CA ASP A 120 0.88 4.84 28.24
C ASP A 120 0.90 3.44 27.63
N ARG A 121 0.57 2.47 28.48
CA ARG A 121 0.46 1.09 28.09
C ARG A 121 1.83 0.47 28.00
N GLY A 122 2.69 1.02 27.15
CA GLY A 122 4.04 0.51 27.05
C GLY A 122 4.83 0.89 28.30
N TYR A 123 5.85 0.09 28.64
CA TYR A 123 6.71 0.42 29.75
C TYR A 123 7.75 1.51 29.39
N PHE A 124 8.00 1.83 28.12
CA PHE A 124 8.94 2.85 27.80
C PHE A 124 8.39 4.14 27.17
N SER A 125 7.38 4.71 27.81
CA SER A 125 6.72 5.96 27.37
C SER A 125 7.60 7.22 27.50
N ILE A 126 8.29 7.34 28.61
CA ILE A 126 9.16 8.46 28.79
C ILE A 126 10.35 8.46 27.84
N GLU A 127 10.78 7.25 27.42
CA GLU A 127 11.90 7.12 26.51
C GLU A 127 11.47 7.56 25.12
N CYS A 128 10.27 7.14 24.71
CA CYS A 128 9.69 7.58 23.44
C CYS A 128 9.62 9.10 23.35
N VAL A 129 9.10 9.75 24.38
CA VAL A 129 8.99 11.18 24.42
C VAL A 129 10.39 11.84 24.38
N LEU A 130 11.30 11.41 25.26
CA LEU A 130 12.59 12.06 25.32
C LEU A 130 13.30 11.91 24.00
N TYR A 131 13.19 10.72 23.42
CA TYR A 131 13.81 10.47 22.15
C TYR A 131 13.21 11.26 21.03
N LEU A 132 11.87 11.25 20.90
CA LEU A 132 11.19 11.98 19.82
C LEU A 132 11.37 13.47 19.92
N TRP A 133 11.31 13.99 21.13
CA TRP A 133 11.50 15.41 21.33
C TRP A 133 12.93 15.79 21.03
N ALA A 134 13.88 14.89 21.29
CA ALA A 134 15.29 15.17 20.97
C ALA A 134 15.43 15.30 19.46
N LEU A 135 14.81 14.39 18.73
CA LEU A 135 14.78 14.44 17.26
C LEU A 135 14.10 15.69 16.70
N LYS A 136 13.07 16.21 17.35
CA LYS A 136 12.39 17.43 16.98
C LYS A 136 13.27 18.67 17.08
N ILE A 137 14.02 18.75 18.18
CA ILE A 137 15.01 19.79 18.42
C ILE A 137 16.05 19.77 17.36
N LEU A 138 16.51 18.58 17.01
CA LEU A 138 17.55 18.40 16.01
C LEU A 138 17.05 18.56 14.59
N TYR A 139 15.85 18.06 14.27
CA TYR A 139 15.31 18.16 12.93
C TYR A 139 13.94 18.82 13.02
N PRO A 140 13.90 20.06 13.47
CA PRO A 140 12.68 20.83 13.64
C PRO A 140 11.83 21.03 12.39
N LYS A 141 12.46 20.92 11.21
CA LYS A 141 11.71 21.10 9.98
C LYS A 141 11.55 19.81 9.15
N THR A 142 12.40 18.82 9.40
CA THR A 142 12.12 17.54 8.79
C THR A 142 10.98 16.83 9.53
N LEU A 143 11.10 16.65 10.85
CA LEU A 143 10.22 15.73 11.60
C LEU A 143 9.09 16.43 12.27
N PHE A 144 7.91 15.84 12.29
CA PHE A 144 6.75 16.49 12.90
C PHE A 144 6.05 15.62 13.88
N LEU A 145 5.43 16.28 14.85
CA LEU A 145 4.58 15.56 15.80
C LEU A 145 3.19 16.18 15.88
N LEU A 146 2.17 15.29 15.77
CA LEU A 146 0.79 15.68 16.10
C LEU A 146 0.39 15.27 17.52
N ARG A 147 -0.73 15.81 17.98
CA ARG A 147 -1.20 15.47 19.32
C ARG A 147 -2.13 14.28 19.25
N GLY A 148 -1.91 13.32 20.12
CA GLY A 148 -2.82 12.15 20.17
C GLY A 148 -3.71 12.30 21.39
N ASN A 149 -4.73 11.44 21.54
CA ASN A 149 -5.61 11.58 22.70
C ASN A 149 -4.94 11.25 24.02
N HIS A 150 -3.83 10.53 24.04
CA HIS A 150 -3.17 10.26 25.30
C HIS A 150 -2.33 11.42 25.84
N GLU A 151 -2.07 12.42 25.01
CA GLU A 151 -1.28 13.56 25.40
C GLU A 151 -2.11 14.59 26.20
N CYS A 152 -2.49 14.12 27.38
CA CYS A 152 -3.23 14.92 28.32
C CYS A 152 -3.09 14.40 29.69
N ARG A 153 -3.52 15.21 30.64
CA ARG A 153 -3.50 14.85 32.05
C ARG A 153 -4.42 13.68 32.35
N HIS A 154 -5.60 13.69 31.74
CA HIS A 154 -6.65 12.73 32.16
C HIS A 154 -6.32 11.28 31.87
N LEU A 155 -5.77 10.98 30.70
CA LEU A 155 -5.42 9.61 30.35
C LEU A 155 -4.12 9.15 30.98
N THR A 156 -3.18 10.05 31.15
CA THR A 156 -1.89 9.68 31.67
C THR A 156 -1.95 9.49 33.22
N GLU A 157 -2.92 10.10 33.88
CA GLU A 157 -3.20 9.96 35.28
C GLU A 157 -3.88 8.58 35.57
N TYR A 158 -4.67 8.15 34.59
CA TYR A 158 -5.43 6.92 34.62
C TYR A 158 -4.53 5.74 34.21
N PHE A 159 -3.80 5.88 33.12
CA PHE A 159 -2.86 4.84 32.68
C PHE A 159 -1.49 5.08 33.32
N THR A 160 -0.47 4.44 32.73
CA THR A 160 0.91 4.29 33.30
C THR A 160 1.75 5.57 33.52
N PHE A 161 1.62 6.44 32.56
CA PHE A 161 2.66 7.41 32.29
C PHE A 161 2.98 8.27 33.48
N LYS A 162 2.01 8.73 34.23
CA LYS A 162 2.35 9.61 35.37
C LYS A 162 3.20 8.89 36.46
N GLN A 163 2.89 7.61 36.69
CA GLN A 163 3.56 6.72 37.61
C GLN A 163 5.00 6.43 37.15
N GLU A 164 5.11 6.13 35.86
CA GLU A 164 6.39 5.90 35.21
C GLU A 164 7.34 7.10 35.45
N CYS A 165 6.84 8.31 35.24
CA CYS A 165 7.65 9.49 35.44
C CYS A 165 8.02 9.59 36.87
N LYS A 166 7.06 9.32 37.75
CA LYS A 166 7.36 9.39 39.17
C LYS A 166 8.46 8.41 39.57
N ILE A 167 8.46 7.18 39.03
CA ILE A 167 9.48 6.18 39.36
C ILE A 167 10.86 6.54 38.78
N LYS A 168 10.88 6.67 37.47
CA LYS A 168 12.12 6.84 36.69
C LYS A 168 12.75 8.21 36.78
N TYR A 169 11.91 9.23 36.85
CA TYR A 169 12.35 10.58 37.12
C TYR A 169 11.58 11.25 38.28
N SER A 170 10.68 12.17 37.93
CA SER A 170 9.87 12.88 38.90
C SER A 170 8.55 13.42 38.36
N GLU A 171 7.72 13.96 39.24
CA GLU A 171 6.44 14.52 38.84
C GLU A 171 6.71 15.73 37.97
N ARG A 172 7.82 16.40 38.31
CA ARG A 172 8.22 17.64 37.60
C ARG A 172 8.43 17.38 36.11
N VAL A 173 9.00 16.23 35.80
CA VAL A 173 9.22 15.83 34.43
C VAL A 173 7.87 15.57 33.82
N TYR A 174 7.00 14.91 34.58
CA TYR A 174 5.65 14.57 34.11
C TYR A 174 4.94 15.84 33.76
N ASP A 175 5.04 16.80 34.64
CA ASP A 175 4.37 18.05 34.42
C ASP A 175 4.91 18.76 33.23
N ALA A 176 6.22 18.75 33.08
CA ALA A 176 6.85 19.42 31.94
C ALA A 176 6.35 18.81 30.66
N CYS A 177 6.13 17.52 30.70
CA CYS A 177 5.62 16.81 29.55
C CYS A 177 4.21 17.23 29.24
N MET A 178 3.38 17.45 30.27
CA MET A 178 1.98 17.80 30.06
C MET A 178 1.86 19.15 29.38
N ASP A 179 2.68 20.10 29.85
CA ASP A 179 2.74 21.42 29.28
C ASP A 179 3.26 21.35 27.87
N ALA A 180 4.29 20.53 27.65
CA ALA A 180 4.81 20.37 26.29
C ALA A 180 3.79 19.74 25.39
N PHE A 181 3.04 18.75 25.87
CA PHE A 181 1.99 18.08 25.06
C PHE A 181 0.89 19.06 24.62
N ASP A 182 0.62 20.08 25.41
CA ASP A 182 -0.40 21.07 25.07
C ASP A 182 0.04 21.93 23.87
N CYS A 183 1.33 21.95 23.62
CA CYS A 183 1.93 22.66 22.48
C CYS A 183 1.86 21.85 21.20
N LEU A 184 1.40 20.60 21.28
CA LEU A 184 1.41 19.72 20.09
C LEU A 184 0.33 20.15 19.07
N PRO A 185 0.72 20.35 17.78
CA PRO A 185 -0.28 20.74 16.80
C PRO A 185 -1.30 19.66 16.73
N LEU A 186 -2.49 19.94 16.16
CA LEU A 186 -3.59 18.94 16.14
C LEU A 186 -3.77 18.12 14.85
N ALA A 187 -3.36 18.76 13.73
CA ALA A 187 -3.66 18.36 12.35
C ALA A 187 -2.49 18.69 11.46
N ALA A 188 -2.49 18.15 10.27
CA ALA A 188 -1.45 18.48 9.31
C ALA A 188 -2.07 18.33 7.95
N LEU A 189 -1.76 19.27 7.08
CA LEU A 189 -2.22 19.23 5.72
C LEU A 189 -1.01 18.78 4.91
N MET A 190 -1.16 17.65 4.31
CA MET A 190 -0.03 17.00 3.71
C MET A 190 -0.10 17.04 2.22
N ASN A 191 0.89 17.69 1.61
CA ASN A 191 0.93 17.82 0.18
C ASN A 191 -0.37 18.40 -0.41
N GLN A 192 -1.09 19.20 0.40
CA GLN A 192 -2.34 19.79 -0.03
C GLN A 192 -3.35 18.73 -0.48
N GLN A 193 -3.24 17.50 0.03
CA GLN A 193 -4.12 16.43 -0.40
C GLN A 193 -4.73 15.62 0.72
N PHE A 194 -4.04 15.63 1.87
CA PHE A 194 -4.45 14.79 2.96
C PHE A 194 -4.60 15.62 4.18
N LEU A 195 -5.67 15.34 4.92
CA LEU A 195 -5.80 15.81 6.28
C LEU A 195 -5.32 14.63 7.12
N CYS A 196 -4.33 14.91 7.97
CA CYS A 196 -3.76 13.92 8.88
C CYS A 196 -4.08 14.37 10.28
N VAL A 197 -4.76 13.52 11.02
CA VAL A 197 -5.25 13.83 12.34
C VAL A 197 -5.21 12.60 13.21
N HIS A 198 -5.22 12.73 14.52
CA HIS A 198 -5.16 11.50 15.29
C HIS A 198 -6.45 10.67 15.25
N GLY A 199 -7.59 11.27 15.65
CA GLY A 199 -8.87 10.56 15.65
C GLY A 199 -9.66 10.77 14.37
N GLY A 200 -10.10 12.00 14.10
CA GLY A 200 -10.86 12.13 12.87
C GLY A 200 -11.63 13.42 12.79
N LEU A 201 -12.87 13.37 12.33
CA LEU A 201 -13.67 14.61 12.14
C LEU A 201 -14.59 15.06 13.28
N SER A 202 -15.13 16.27 13.12
CA SER A 202 -16.01 16.85 14.11
C SER A 202 -17.20 17.48 13.40
N PRO A 203 -18.39 17.42 14.04
CA PRO A 203 -19.58 18.04 13.46
C PRO A 203 -19.29 19.51 13.39
N GLU A 204 -18.42 19.96 14.30
CA GLU A 204 -18.05 21.36 14.36
C GLU A 204 -16.80 21.76 13.60
N ILE A 205 -16.30 20.90 12.74
CA ILE A 205 -15.19 21.32 11.91
C ILE A 205 -15.56 21.04 10.49
N ASN A 206 -15.93 22.06 9.73
CA ASN A 206 -16.32 21.87 8.31
C ASN A 206 -15.31 22.23 7.25
N THR A 207 -14.40 23.18 7.57
CA THR A 207 -13.40 23.65 6.65
C THR A 207 -12.08 23.53 7.37
N LEU A 208 -10.99 23.56 6.61
CA LEU A 208 -9.65 23.51 7.21
C LEU A 208 -9.40 24.74 8.08
N ASP A 209 -9.96 25.88 7.72
CA ASP A 209 -9.83 27.11 8.49
C ASP A 209 -10.35 27.03 9.93
N ASP A 210 -11.33 26.16 10.09
CA ASP A 210 -11.93 25.92 11.40
C ASP A 210 -10.86 25.34 12.34
N ILE A 211 -10.01 24.44 11.84
CA ILE A 211 -8.96 23.87 12.68
C ILE A 211 -8.01 24.96 13.09
N ARG A 212 -7.80 25.92 12.17
CA ARG A 212 -6.90 27.04 12.38
C ARG A 212 -7.37 27.85 13.57
N LYS A 213 -8.67 27.99 13.70
CA LYS A 213 -9.16 28.91 14.72
C LYS A 213 -9.30 28.35 16.14
N LEU A 214 -9.07 27.05 16.36
CA LEU A 214 -9.13 26.43 17.69
C LEU A 214 -8.03 26.99 18.57
N ASP A 215 -8.21 26.99 19.91
CA ASP A 215 -7.11 27.32 20.79
C ASP A 215 -6.66 25.95 21.28
N ARG A 216 -5.46 25.52 20.90
CA ARG A 216 -5.04 24.17 21.19
C ARG A 216 -4.26 24.05 22.48
N PHE A 217 -3.79 25.17 22.96
CA PHE A 217 -2.85 25.09 24.05
C PHE A 217 -3.53 24.83 25.37
N LYS A 218 -4.09 23.65 25.55
CA LYS A 218 -4.78 23.34 26.75
C LYS A 218 -5.04 21.86 26.83
N GLU A 219 -5.51 21.47 28.00
CA GLU A 219 -5.95 20.10 28.21
C GLU A 219 -7.15 19.93 27.29
N PRO A 220 -7.22 18.81 26.58
CA PRO A 220 -8.40 18.54 25.74
C PRO A 220 -9.69 18.58 26.53
N PRO A 221 -10.65 19.39 26.08
CA PRO A 221 -11.94 19.37 26.74
C PRO A 221 -12.70 18.03 26.57
N ALA A 222 -13.69 17.81 27.42
CA ALA A 222 -14.54 16.59 27.33
C ALA A 222 -15.44 16.56 26.07
N TYR A 223 -15.70 17.75 25.54
CA TYR A 223 -16.58 17.89 24.40
C TYR A 223 -15.97 18.91 23.50
N GLY A 224 -16.37 18.95 22.25
CA GLY A 224 -15.88 20.02 21.38
C GLY A 224 -15.20 19.60 20.09
N PRO A 225 -14.87 20.58 19.24
CA PRO A 225 -14.12 20.34 18.01
C PRO A 225 -12.69 19.74 18.30
N MET A 226 -11.99 20.25 19.32
CA MET A 226 -10.66 19.74 19.72
C MET A 226 -10.72 18.30 20.25
N CYS A 227 -11.66 18.03 21.16
CA CYS A 227 -11.87 16.68 21.66
C CYS A 227 -12.14 15.74 20.48
N ASP A 228 -13.01 16.14 19.53
CA ASP A 228 -13.38 15.32 18.35
C ASP A 228 -12.23 14.83 17.40
N ILE A 229 -11.34 15.77 17.04
CA ILE A 229 -10.15 15.48 16.20
C ILE A 229 -9.32 14.37 16.80
N LEU A 230 -9.16 14.46 18.14
CA LEU A 230 -8.41 13.53 18.93
C LEU A 230 -9.09 12.25 19.21
N TRP A 231 -10.41 12.25 19.35
CA TRP A 231 -11.17 11.03 19.71
C TRP A 231 -12.12 10.29 18.74
N SER A 232 -12.56 10.94 17.66
CA SER A 232 -13.56 10.38 16.78
C SER A 232 -13.10 9.07 16.10
N ASP A 233 -14.05 8.18 15.78
CA ASP A 233 -13.79 6.95 15.05
C ASP A 233 -14.79 6.83 13.90
N PRO A 234 -14.44 6.09 12.84
CA PRO A 234 -15.41 5.87 11.78
C PRO A 234 -16.44 4.90 12.26
N LEU A 235 -17.66 4.94 11.75
CA LEU A 235 -18.65 3.93 12.11
C LEU A 235 -17.99 2.59 11.96
N GLU A 236 -18.47 1.63 12.77
CA GLU A 236 -18.00 0.26 12.75
C GLU A 236 -18.34 -0.34 11.38
N ASP A 237 -19.48 0.06 10.83
CA ASP A 237 -19.84 -0.41 9.48
C ASP A 237 -19.66 0.71 8.45
N PHE A 238 -18.65 1.56 8.66
CA PHE A 238 -18.37 2.73 7.79
C PHE A 238 -18.35 2.34 6.32
N GLY A 239 -19.16 3.01 5.49
CA GLY A 239 -19.19 2.73 4.06
C GLY A 239 -20.30 1.82 3.60
N ASN A 240 -20.92 1.17 4.58
CA ASN A 240 -22.03 0.25 4.35
C ASN A 240 -23.17 0.56 5.34
N GLU A 241 -23.18 1.78 5.89
CA GLU A 241 -24.16 2.15 6.94
C GLU A 241 -25.58 1.97 6.47
N LYS A 242 -26.44 1.64 7.43
CA LYS A 242 -27.89 1.64 7.23
C LYS A 242 -28.40 2.95 6.57
N THR A 243 -28.50 3.99 7.38
CA THR A 243 -29.05 5.29 7.00
C THR A 243 -27.97 6.25 6.43
N GLN A 244 -28.35 7.52 6.28
CA GLN A 244 -27.39 8.56 5.93
C GLN A 244 -26.72 9.12 7.19
N GLU A 245 -27.08 8.55 8.34
CA GLU A 245 -26.49 8.92 9.63
C GLU A 245 -25.05 9.50 9.55
N HIS A 246 -24.84 10.72 10.02
CA HIS A 246 -23.56 11.46 9.87
C HIS A 246 -22.60 11.32 11.08
N PHE A 247 -23.04 11.86 12.20
CA PHE A 247 -22.31 11.80 13.47
C PHE A 247 -23.21 11.25 14.60
N THR A 248 -22.69 10.32 15.39
CA THR A 248 -23.50 9.57 16.35
C THR A 248 -22.57 9.39 17.56
N HIS A 249 -23.04 9.58 18.80
CA HIS A 249 -22.14 9.50 19.98
C HIS A 249 -21.30 8.21 19.98
N ASN A 250 -20.02 8.34 20.31
CA ASN A 250 -19.09 7.22 20.31
C ASN A 250 -19.16 6.39 21.60
N THR A 251 -20.09 5.43 21.55
CA THR A 251 -20.37 4.60 22.70
C THR A 251 -19.22 3.69 23.01
N VAL A 252 -18.29 3.52 22.07
CA VAL A 252 -17.06 2.74 22.30
C VAL A 252 -16.02 3.51 23.15
N ARG A 253 -15.89 4.81 22.88
CA ARG A 253 -14.93 5.68 23.62
C ARG A 253 -15.62 6.28 24.79
N GLY A 254 -16.95 6.27 24.70
CA GLY A 254 -17.77 6.86 25.74
C GLY A 254 -17.63 8.39 25.67
N CYS A 255 -17.14 8.89 24.53
CA CYS A 255 -17.29 10.33 24.23
C CYS A 255 -17.09 10.63 22.77
N SER A 256 -17.32 11.88 22.39
CA SER A 256 -17.21 12.32 20.98
C SER A 256 -18.03 11.42 20.01
N TYR A 257 -17.60 11.23 18.78
CA TYR A 257 -18.48 10.72 17.71
C TYR A 257 -17.92 9.64 16.80
N PHE A 258 -18.83 8.96 16.13
CA PHE A 258 -18.53 8.04 15.09
C PHE A 258 -18.93 8.81 13.87
N TYR A 259 -18.12 8.83 12.83
CA TYR A 259 -18.46 9.58 11.65
C TYR A 259 -18.62 8.58 10.56
N SER A 260 -19.44 8.95 9.59
CA SER A 260 -19.77 8.04 8.48
C SER A 260 -19.14 8.37 7.13
N TYR A 261 -19.29 7.41 6.23
CA TYR A 261 -18.66 7.52 4.96
C TYR A 261 -19.22 8.74 4.25
N PRO A 262 -20.53 9.03 4.44
CA PRO A 262 -21.00 10.23 3.72
C PRO A 262 -20.55 11.53 4.35
N ALA A 263 -20.35 11.58 5.67
CA ALA A 263 -19.84 12.77 6.33
C ALA A 263 -18.44 13.07 5.79
N VAL A 264 -17.61 12.04 5.70
CA VAL A 264 -16.22 12.14 5.21
C VAL A 264 -16.18 12.56 3.72
N CYS A 265 -16.94 11.85 2.88
CA CYS A 265 -17.00 12.22 1.51
C CYS A 265 -17.40 13.68 1.38
N GLU A 266 -18.35 14.14 2.17
CA GLU A 266 -18.72 15.55 2.10
C GLU A 266 -17.56 16.48 2.47
N PHE A 267 -16.91 16.18 3.57
CA PHE A 267 -15.80 17.04 4.02
C PHE A 267 -14.67 17.10 2.99
N LEU A 268 -14.38 15.94 2.41
CA LEU A 268 -13.32 15.81 1.42
C LEU A 268 -13.59 16.69 0.19
N GLN A 269 -14.78 16.52 -0.42
CA GLN A 269 -15.18 17.33 -1.57
C GLN A 269 -15.23 18.81 -1.29
N HIS A 270 -15.74 19.16 -0.14
CA HIS A 270 -15.91 20.56 0.21
C HIS A 270 -14.55 21.21 0.43
N ASN A 271 -13.56 20.44 0.84
CA ASN A 271 -12.26 21.02 1.08
C ASN A 271 -11.25 20.61 0.03
N ASN A 272 -11.75 20.05 -1.06
CA ASN A 272 -10.89 19.64 -2.16
C ASN A 272 -9.77 18.79 -1.66
N LEU A 273 -10.09 17.79 -0.83
CA LEU A 273 -9.07 16.87 -0.32
C LEU A 273 -9.26 15.48 -0.85
N LEU A 274 -8.19 14.67 -0.78
CA LEU A 274 -8.20 13.28 -1.27
C LEU A 274 -8.54 12.23 -0.22
N SER A 275 -8.05 12.41 1.01
CA SER A 275 -8.34 11.45 2.08
C SER A 275 -8.02 11.97 3.48
N ILE A 276 -8.51 11.27 4.49
CA ILE A 276 -8.17 11.60 5.87
C ILE A 276 -7.27 10.48 6.30
N LEU A 277 -6.08 10.78 6.80
CA LEU A 277 -5.22 9.72 7.37
C LEU A 277 -5.23 9.89 8.84
N ARG A 278 -5.55 8.85 9.56
CA ARG A 278 -5.57 8.93 10.96
C ARG A 278 -5.05 7.65 11.62
N ALA A 279 -5.02 7.60 12.96
CA ALA A 279 -4.47 6.46 13.69
C ALA A 279 -5.57 6.00 14.68
N HIS A 280 -5.23 5.75 15.94
CA HIS A 280 -6.24 5.63 16.98
C HIS A 280 -6.92 4.26 17.03
N GLU A 281 -7.57 3.84 15.96
CA GLU A 281 -8.17 2.51 15.96
C GLU A 281 -7.06 1.50 15.55
N ALA A 282 -6.82 0.44 16.34
CA ALA A 282 -5.63 -0.44 16.11
C ALA A 282 -5.87 -1.64 15.21
N GLN A 283 -5.15 -1.69 14.10
CA GLN A 283 -5.31 -2.68 13.06
C GLN A 283 -4.44 -3.93 13.19
N ASP A 284 -4.99 -5.06 12.75
CA ASP A 284 -4.20 -6.25 12.72
C ASP A 284 -3.05 -6.01 11.77
N ALA A 285 -3.43 -5.71 10.52
CA ALA A 285 -2.51 -5.41 9.36
C ALA A 285 -1.39 -4.42 9.63
N GLY A 286 -1.72 -3.51 10.49
CA GLY A 286 -0.93 -2.36 10.70
C GLY A 286 -1.72 -1.18 10.20
N TYR A 287 -2.69 -1.44 9.34
CA TYR A 287 -3.38 -0.33 8.70
C TYR A 287 -4.69 -0.73 8.15
N ARG A 288 -5.41 0.22 7.59
CA ARG A 288 -6.68 -0.15 7.04
C ARG A 288 -7.17 0.90 6.10
N MET A 289 -7.14 0.58 4.82
CA MET A 289 -7.97 1.31 3.89
C MET A 289 -9.47 1.24 4.24
N TYR A 290 -10.18 2.32 3.93
CA TYR A 290 -11.64 2.26 3.90
C TYR A 290 -12.25 2.60 2.50
N ARG A 291 -13.57 2.68 2.49
CA ARG A 291 -14.30 2.82 1.24
C ARG A 291 -13.79 3.95 0.36
N LYS A 292 -13.69 3.64 -0.93
CA LYS A 292 -13.21 4.60 -1.92
C LYS A 292 -14.19 5.72 -2.15
N SER A 293 -13.69 6.96 -2.14
CA SER A 293 -14.53 8.09 -2.39
C SER A 293 -15.14 7.88 -3.76
N GLN A 294 -16.43 8.14 -3.82
CA GLN A 294 -17.19 7.89 -5.03
C GLN A 294 -16.57 8.59 -6.20
N THR A 295 -16.19 9.84 -5.96
CA THR A 295 -15.78 10.67 -7.09
C THR A 295 -14.28 10.60 -7.45
N THR A 296 -13.44 10.29 -6.46
CA THR A 296 -11.97 10.30 -6.67
C THR A 296 -11.39 8.93 -6.95
N GLY A 297 -12.08 7.89 -6.51
CA GLY A 297 -11.61 6.54 -6.73
C GLY A 297 -10.56 6.14 -5.69
N PHE A 298 -10.43 6.92 -4.64
CA PHE A 298 -9.29 6.78 -3.76
C PHE A 298 -9.85 6.51 -2.41
N PRO A 299 -9.26 5.63 -1.58
CA PRO A 299 -9.84 5.42 -0.23
C PRO A 299 -10.13 6.74 0.45
N SER A 300 -11.29 6.87 1.08
CA SER A 300 -11.64 8.15 1.72
C SER A 300 -10.96 8.30 3.08
N LEU A 301 -10.49 7.18 3.61
CA LEU A 301 -9.99 7.15 4.97
C LEU A 301 -9.03 6.01 5.08
N ILE A 302 -7.98 6.26 5.85
CA ILE A 302 -6.88 5.32 6.02
C ILE A 302 -6.48 5.36 7.48
N THR A 303 -6.48 4.23 8.17
CA THR A 303 -6.01 4.16 9.56
C THR A 303 -4.61 3.57 9.58
N ILE A 304 -3.69 4.20 10.32
CA ILE A 304 -2.30 3.77 10.44
C ILE A 304 -2.02 3.51 11.92
N PHE A 305 -1.65 2.27 12.24
CA PHE A 305 -1.30 1.91 13.59
C PHE A 305 0.12 1.36 13.63
N SER A 306 0.98 2.04 14.40
CA SER A 306 2.42 1.75 14.35
C SER A 306 3.05 1.08 15.58
N ALA A 307 2.23 0.34 16.36
CA ALA A 307 2.67 -0.40 17.54
C ALA A 307 2.47 -1.95 17.37
N PRO A 308 3.51 -2.64 16.97
CA PRO A 308 3.47 -4.10 16.75
C PRO A 308 3.26 -4.90 18.03
N ASN A 309 2.57 -6.04 17.90
CA ASN A 309 2.25 -6.94 19.04
C ASN A 309 1.81 -6.07 20.20
N TYR A 310 0.87 -5.19 19.87
CA TYR A 310 0.38 -4.21 20.80
C TYR A 310 -0.05 -4.95 22.05
N LEU A 311 0.33 -4.33 23.15
CA LEU A 311 0.02 -4.83 24.48
C LEU A 311 0.60 -6.21 24.80
N ASP A 312 1.55 -6.72 24.00
CA ASP A 312 2.13 -8.06 24.22
C ASP A 312 1.09 -9.14 24.01
N VAL A 313 -0.08 -8.79 23.52
CA VAL A 313 -1.05 -9.82 23.23
C VAL A 313 -1.72 -9.73 21.88
N TYR A 314 -1.81 -8.55 21.27
CA TYR A 314 -2.56 -8.48 19.98
C TYR A 314 -1.90 -9.24 18.84
N ASN A 315 -0.58 -9.40 18.92
CA ASN A 315 0.18 -10.18 17.93
C ASN A 315 0.12 -9.55 16.51
N ASN A 316 -0.14 -8.24 16.44
CA ASN A 316 -0.38 -7.58 15.14
C ASN A 316 0.91 -7.01 14.58
N LYS A 317 0.83 -6.77 13.26
CA LYS A 317 1.84 -6.04 12.51
C LYS A 317 1.69 -4.60 12.85
N ALA A 318 2.74 -3.80 12.65
CA ALA A 318 2.61 -2.35 12.69
C ALA A 318 2.91 -1.89 11.29
N ALA A 319 2.64 -0.62 11.03
CA ALA A 319 2.84 -0.11 9.67
C ALA A 319 3.00 1.38 9.72
N VAL A 320 3.67 1.89 8.70
CA VAL A 320 3.85 3.29 8.44
C VAL A 320 3.54 3.49 6.99
N LEU A 321 3.22 4.72 6.67
CA LEU A 321 2.81 5.08 5.34
C LEU A 321 3.88 5.92 4.73
N LYS A 322 4.32 5.56 3.53
CA LYS A 322 5.35 6.37 2.83
C LYS A 322 4.77 7.00 1.57
N TYR A 323 4.47 8.27 1.67
CA TYR A 323 4.05 8.93 0.43
C TYR A 323 5.31 9.57 -0.11
N GLU A 324 5.60 9.36 -1.37
CA GLU A 324 6.82 9.88 -1.98
C GLU A 324 6.73 9.82 -3.50
N ASN A 325 7.02 10.94 -4.19
CA ASN A 325 7.12 10.97 -5.63
C ASN A 325 5.82 10.46 -6.24
N ASN A 326 4.72 10.79 -5.57
CA ASN A 326 3.39 10.39 -6.04
C ASN A 326 3.16 8.90 -6.04
N VAL A 327 3.91 8.21 -5.20
CA VAL A 327 3.68 6.82 -4.95
C VAL A 327 3.34 6.70 -3.52
N MET A 328 2.55 5.69 -3.17
CA MET A 328 2.15 5.54 -1.81
C MET A 328 2.39 4.15 -1.33
N ASN A 329 3.52 3.94 -0.68
CA ASN A 329 3.89 2.63 -0.22
C ASN A 329 3.33 2.49 1.17
N ILE A 330 3.10 1.26 1.61
CA ILE A 330 2.97 1.02 3.05
C ILE A 330 3.94 0.00 3.52
N ARG A 331 4.66 0.36 4.56
CA ARG A 331 5.62 -0.55 5.14
C ARG A 331 5.17 -1.15 6.46
N GLN A 332 4.82 -2.42 6.44
CA GLN A 332 4.49 -3.18 7.67
C GLN A 332 5.78 -3.66 8.35
N PHE A 333 5.75 -3.81 9.66
CA PHE A 333 6.84 -4.43 10.41
C PHE A 333 6.36 -5.15 11.69
N ASN A 334 7.18 -6.06 12.23
CA ASN A 334 6.86 -6.87 13.40
C ASN A 334 7.47 -6.32 14.62
N CYS A 335 7.30 -7.08 15.71
CA CYS A 335 7.90 -6.80 17.02
C CYS A 335 9.43 -6.93 16.98
N SER A 336 10.09 -6.23 17.88
CA SER A 336 11.54 -6.34 18.06
C SER A 336 11.73 -6.73 19.52
N PRO A 337 12.83 -7.40 19.83
CA PRO A 337 12.94 -8.15 21.09
C PRO A 337 13.67 -7.41 22.23
N HIS A 338 13.95 -8.04 23.39
CA HIS A 338 14.95 -7.53 24.36
C HIS A 338 15.45 -8.60 25.36
N PRO A 339 16.79 -8.72 25.52
CA PRO A 339 17.78 -9.82 25.70
C PRO A 339 17.32 -11.25 25.60
N PHE B 22 -24.54 -25.81 -3.73
CA PHE B 22 -25.44 -27.00 -3.71
C PHE B 22 -24.93 -28.12 -4.70
N PRO B 23 -24.29 -27.78 -5.86
CA PRO B 23 -23.57 -28.89 -6.60
C PRO B 23 -22.10 -29.16 -6.06
N PRO B 24 -21.54 -30.39 -6.11
CA PRO B 24 -20.09 -30.44 -5.71
C PRO B 24 -19.14 -31.29 -6.61
N SER B 25 -19.24 -32.60 -6.42
CA SER B 25 -18.75 -33.60 -7.36
C SER B 25 -19.30 -33.41 -8.80
N HIS B 26 -20.40 -32.67 -8.94
CA HIS B 26 -21.11 -32.46 -10.22
C HIS B 26 -20.30 -31.63 -11.23
N ARG B 27 -20.53 -31.83 -12.53
CA ARG B 27 -19.84 -31.02 -13.57
C ARG B 27 -20.82 -30.03 -14.14
N LEU B 28 -20.57 -28.74 -13.95
CA LEU B 28 -21.55 -27.71 -14.29
C LEU B 28 -21.98 -27.70 -15.75
N THR B 29 -23.29 -27.57 -15.99
CA THR B 29 -23.84 -27.51 -17.33
C THR B 29 -23.86 -26.07 -17.83
N ALA B 30 -24.09 -25.88 -19.13
CA ALA B 30 -24.12 -24.53 -19.72
C ALA B 30 -25.21 -23.65 -19.13
N LYS B 31 -26.35 -24.25 -18.83
CA LYS B 31 -27.48 -23.47 -18.31
C LYS B 31 -27.30 -23.13 -16.83
N GLU B 32 -26.54 -23.96 -16.11
CA GLU B 32 -26.19 -23.60 -14.74
C GLU B 32 -25.27 -22.38 -14.76
N VAL B 33 -24.38 -22.33 -15.76
CA VAL B 33 -23.26 -21.39 -15.78
C VAL B 33 -23.54 -20.11 -16.51
N PHE B 34 -24.38 -20.15 -17.53
CA PHE B 34 -24.75 -18.96 -18.33
C PHE B 34 -26.27 -18.66 -18.25
N ASP B 35 -26.66 -17.42 -17.94
CA ASP B 35 -28.11 -17.01 -18.00
C ASP B 35 -28.68 -16.89 -19.43
N ASN B 36 -30.00 -16.65 -19.55
CA ASN B 36 -30.69 -16.53 -20.85
C ASN B 36 -30.13 -15.46 -21.80
N ASP B 37 -29.58 -14.43 -21.20
CA ASP B 37 -28.90 -13.42 -21.96
C ASP B 37 -27.51 -13.83 -22.45
N GLY B 38 -26.99 -14.98 -22.00
CA GLY B 38 -25.67 -15.47 -22.47
C GLY B 38 -24.49 -14.93 -21.68
N LYS B 39 -24.78 -14.18 -20.63
CA LYS B 39 -23.72 -13.82 -19.73
C LYS B 39 -23.58 -14.86 -18.62
N PRO B 40 -22.34 -15.06 -18.18
CA PRO B 40 -21.98 -16.02 -17.17
C PRO B 40 -22.33 -15.62 -15.75
N ARG B 41 -22.72 -16.59 -14.94
CA ARG B 41 -23.00 -16.33 -13.54
C ARG B 41 -21.76 -16.66 -12.78
N VAL B 42 -20.92 -15.66 -12.66
CA VAL B 42 -19.62 -15.80 -12.04
C VAL B 42 -19.61 -16.18 -10.57
N ASP B 43 -20.60 -15.76 -9.82
CA ASP B 43 -20.71 -16.05 -8.41
C ASP B 43 -20.91 -17.54 -8.17
N ILE B 44 -21.80 -18.12 -8.95
CA ILE B 44 -22.01 -19.55 -8.91
C ILE B 44 -20.74 -20.28 -9.36
N LEU B 45 -20.09 -19.77 -10.40
CA LEU B 45 -18.91 -20.34 -11.03
C LEU B 45 -17.78 -20.40 -10.01
N LYS B 46 -17.54 -19.27 -9.40
CA LYS B 46 -16.51 -19.16 -8.40
C LYS B 46 -16.71 -20.19 -7.33
N ALA B 47 -17.90 -20.28 -6.76
CA ALA B 47 -18.16 -21.12 -5.59
C ALA B 47 -17.91 -22.59 -5.86
N HIS B 48 -18.30 -23.04 -7.05
CA HIS B 48 -18.00 -24.41 -7.56
C HIS B 48 -16.49 -24.66 -7.77
N LEU B 49 -15.80 -23.72 -8.41
CA LEU B 49 -14.38 -23.88 -8.68
C LEU B 49 -13.51 -23.86 -7.43
N MET B 50 -13.91 -23.07 -6.43
CA MET B 50 -13.23 -23.04 -5.13
C MET B 50 -13.32 -24.36 -4.37
N LYS B 51 -14.12 -25.30 -4.84
CA LYS B 51 -14.22 -26.58 -4.20
C LYS B 51 -13.59 -27.66 -5.04
N GLU B 52 -12.87 -27.23 -6.06
CA GLU B 52 -12.22 -28.11 -7.03
C GLU B 52 -13.32 -28.65 -7.92
N GLY B 53 -14.22 -27.78 -8.34
CA GLY B 53 -15.26 -28.24 -9.26
C GLY B 53 -14.70 -28.27 -10.66
N ARG B 54 -15.35 -29.03 -11.53
CA ARG B 54 -15.06 -28.93 -12.93
C ARG B 54 -16.33 -28.57 -13.64
N LEU B 55 -16.19 -28.19 -14.90
CA LEU B 55 -17.29 -27.88 -15.75
C LEU B 55 -17.44 -28.98 -16.76
N GLU B 56 -18.54 -29.00 -17.49
CA GLU B 56 -18.62 -29.84 -18.63
C GLU B 56 -17.57 -29.27 -19.56
N GLU B 57 -16.79 -30.12 -20.20
CA GLU B 57 -15.77 -29.62 -21.11
C GLU B 57 -16.39 -28.63 -22.07
N SER B 58 -17.58 -28.98 -22.59
CA SER B 58 -18.44 -28.15 -23.48
C SER B 58 -18.51 -26.70 -23.07
N VAL B 59 -18.75 -26.55 -21.78
CA VAL B 59 -18.93 -25.26 -21.16
C VAL B 59 -17.60 -24.51 -21.08
N ALA B 60 -16.53 -25.24 -20.79
CA ALA B 60 -15.21 -24.67 -20.61
C ALA B 60 -14.73 -24.12 -21.92
N LEU B 61 -14.98 -24.86 -22.99
CA LEU B 61 -14.56 -24.40 -24.29
C LEU B 61 -15.28 -23.15 -24.72
N ARG B 62 -16.56 -23.07 -24.36
CA ARG B 62 -17.37 -21.94 -24.75
C ARG B 62 -16.85 -20.69 -24.10
N ILE B 63 -16.46 -20.82 -22.84
CA ILE B 63 -15.89 -19.69 -22.13
C ILE B 63 -14.64 -19.24 -22.81
N ILE B 64 -13.76 -20.17 -23.12
CA ILE B 64 -12.47 -19.83 -23.68
C ILE B 64 -12.64 -19.22 -25.06
N THR B 65 -13.41 -19.86 -25.94
CA THR B 65 -13.55 -19.31 -27.29
C THR B 65 -14.37 -18.03 -27.30
N GLU B 66 -15.42 -17.90 -26.48
CA GLU B 66 -16.18 -16.65 -26.44
C GLU B 66 -15.29 -15.54 -25.90
N GLY B 67 -14.45 -15.87 -24.95
CA GLY B 67 -13.55 -14.92 -24.31
C GLY B 67 -12.49 -14.49 -25.27
N ALA B 68 -11.96 -15.43 -26.03
CA ALA B 68 -10.99 -15.16 -27.08
C ALA B 68 -11.54 -14.31 -28.22
N SER B 69 -12.81 -14.51 -28.59
CA SER B 69 -13.42 -13.77 -29.67
C SER B 69 -13.46 -12.27 -29.32
N ILE B 70 -13.64 -11.96 -28.06
CA ILE B 70 -13.56 -10.60 -27.55
C ILE B 70 -12.14 -10.12 -27.63
N LEU B 71 -11.22 -10.97 -27.26
CA LEU B 71 -9.86 -10.58 -27.08
C LEU B 71 -9.31 -10.28 -28.38
N ARG B 72 -9.64 -11.11 -29.35
CA ARG B 72 -9.02 -10.95 -30.68
C ARG B 72 -9.33 -9.62 -31.33
N GLN B 73 -10.43 -8.99 -30.94
CA GLN B 73 -10.73 -7.64 -31.40
C GLN B 73 -9.77 -6.62 -30.85
N GLU B 74 -9.46 -6.80 -29.57
CA GLU B 74 -8.84 -5.73 -28.83
C GLU B 74 -7.50 -5.45 -29.53
N LYS B 75 -6.93 -4.29 -29.26
CA LYS B 75 -5.73 -3.83 -29.96
C LYS B 75 -4.48 -4.47 -29.40
N ASN B 76 -3.37 -4.49 -30.16
CA ASN B 76 -2.07 -4.97 -29.67
C ASN B 76 -1.76 -4.19 -28.41
N LEU B 77 -2.05 -2.90 -28.50
CA LEU B 77 -1.85 -1.96 -27.40
C LEU B 77 -3.19 -1.32 -27.00
N LEU B 78 -3.71 -1.71 -25.84
CA LEU B 78 -5.01 -1.22 -25.30
C LEU B 78 -4.90 0.20 -24.78
N ASP B 79 -6.04 0.90 -24.68
CA ASP B 79 -6.10 2.31 -24.25
C ASP B 79 -7.09 2.54 -23.14
N ILE B 80 -6.57 2.52 -21.92
CA ILE B 80 -7.40 2.47 -20.71
C ILE B 80 -7.35 3.80 -20.00
N ASP B 81 -8.49 4.24 -19.47
CA ASP B 81 -8.49 5.39 -18.57
C ASP B 81 -8.49 4.92 -17.08
N ALA B 82 -7.96 5.75 -16.16
CA ALA B 82 -7.97 5.41 -14.74
C ALA B 82 -9.36 5.76 -14.23
N PRO B 83 -9.72 5.30 -13.02
CA PRO B 83 -9.01 4.50 -12.06
C PRO B 83 -8.91 3.05 -12.49
N VAL B 84 -7.95 2.34 -11.96
CA VAL B 84 -7.77 0.95 -12.29
C VAL B 84 -7.04 0.35 -11.11
N THR B 85 -7.18 -0.93 -10.93
CA THR B 85 -6.32 -1.67 -10.06
C THR B 85 -5.52 -2.55 -11.02
N VAL B 86 -4.21 -2.34 -11.07
CA VAL B 86 -3.35 -3.14 -11.91
C VAL B 86 -2.79 -4.26 -11.06
N CYS B 87 -2.74 -5.44 -11.70
CA CYS B 87 -2.35 -6.69 -11.09
C CYS B 87 -1.27 -7.51 -11.89
N GLY B 88 -0.48 -8.26 -11.15
CA GLY B 88 0.67 -8.93 -11.77
C GLY B 88 0.49 -10.40 -12.14
N ASP B 89 1.58 -11.13 -11.94
CA ASP B 89 1.58 -12.60 -11.92
C ASP B 89 0.60 -13.33 -10.95
N ILE B 90 0.00 -14.42 -11.44
CA ILE B 90 -0.97 -15.23 -10.70
C ILE B 90 -0.41 -16.62 -10.50
N HIS B 91 0.02 -17.20 -11.62
CA HIS B 91 0.63 -18.52 -11.63
C HIS B 91 -0.27 -19.52 -10.94
N GLY B 92 -1.46 -19.62 -11.49
CA GLY B 92 -2.44 -20.58 -11.06
C GLY B 92 -2.74 -20.56 -9.59
N GLN B 93 -2.44 -19.48 -8.89
CA GLN B 93 -2.87 -19.43 -7.52
C GLN B 93 -4.27 -18.91 -7.67
N PHE B 94 -5.23 -19.81 -7.80
CA PHE B 94 -6.61 -19.41 -7.92
C PHE B 94 -7.17 -18.75 -6.68
N PHE B 95 -6.79 -19.26 -5.50
CA PHE B 95 -7.31 -18.71 -4.26
C PHE B 95 -6.83 -17.30 -3.98
N ASP B 96 -5.61 -17.02 -4.41
CA ASP B 96 -4.99 -15.73 -4.18
C ASP B 96 -5.73 -14.75 -5.11
N LEU B 97 -6.19 -15.22 -6.29
CA LEU B 97 -7.00 -14.41 -7.17
C LEU B 97 -8.34 -14.07 -6.56
N MET B 98 -9.00 -15.03 -5.91
CA MET B 98 -10.24 -14.72 -5.16
C MET B 98 -10.01 -13.68 -4.06
N LYS B 99 -8.89 -13.83 -3.37
CA LYS B 99 -8.53 -12.93 -2.29
C LYS B 99 -8.23 -11.52 -2.77
N LEU B 100 -7.53 -11.40 -3.89
CA LEU B 100 -7.32 -10.10 -4.60
C LEU B 100 -8.60 -9.42 -5.05
N PHE B 101 -9.54 -10.21 -5.60
CA PHE B 101 -10.82 -9.62 -5.91
C PHE B 101 -11.47 -9.03 -4.65
N GLU B 102 -11.51 -9.83 -3.57
CA GLU B 102 -12.14 -9.43 -2.32
C GLU B 102 -11.69 -8.04 -1.89
N VAL B 103 -10.40 -7.85 -1.83
CA VAL B 103 -9.83 -6.69 -1.23
C VAL B 103 -9.74 -5.51 -2.17
N GLY B 104 -9.28 -5.72 -3.38
CA GLY B 104 -9.06 -4.59 -4.28
C GLY B 104 -10.35 -4.17 -4.97
N GLY B 105 -11.39 -5.02 -4.92
CA GLY B 105 -12.74 -4.61 -5.30
C GLY B 105 -13.39 -5.54 -6.30
N SER B 106 -14.71 -5.68 -6.22
CA SER B 106 -15.43 -6.51 -7.21
C SER B 106 -15.31 -5.95 -8.64
N PRO B 107 -15.27 -6.84 -9.62
CA PRO B 107 -15.04 -6.38 -11.00
C PRO B 107 -16.24 -5.71 -11.59
N ALA B 108 -17.38 -5.83 -10.89
CA ALA B 108 -18.61 -5.19 -11.34
C ALA B 108 -18.41 -3.68 -11.38
N ASN B 109 -17.78 -3.18 -10.31
CA ASN B 109 -17.59 -1.75 -10.11
C ASN B 109 -16.13 -1.31 -10.29
N THR B 110 -15.22 -2.27 -10.40
CA THR B 110 -13.78 -2.04 -10.29
C THR B 110 -13.16 -2.28 -11.64
N ARG B 111 -12.23 -1.43 -12.04
CA ARG B 111 -11.60 -1.57 -13.34
C ARG B 111 -10.29 -2.31 -13.13
N TYR B 112 -9.99 -3.35 -13.91
CA TYR B 112 -8.81 -4.19 -13.66
C TYR B 112 -7.93 -4.40 -14.88
N LEU B 113 -6.63 -4.47 -14.63
CA LEU B 113 -5.71 -4.83 -15.69
C LEU B 113 -4.74 -5.83 -15.17
N PHE B 114 -4.69 -7.02 -15.77
CA PHE B 114 -3.68 -8.02 -15.44
C PHE B 114 -2.54 -8.08 -16.50
N LEU B 115 -1.33 -8.20 -15.98
CA LEU B 115 -0.13 -8.29 -16.81
C LEU B 115 0.40 -9.73 -16.82
N GLY B 116 -0.46 -10.63 -17.25
CA GLY B 116 -0.03 -11.96 -17.64
C GLY B 116 0.37 -12.93 -16.53
N ASP B 117 0.92 -14.06 -17.01
CA ASP B 117 1.39 -15.22 -16.23
C ASP B 117 0.31 -15.73 -15.31
N TYR B 118 -0.74 -16.25 -15.95
CA TYR B 118 -1.96 -16.72 -15.26
C TYR B 118 -1.79 -18.17 -14.82
N VAL B 119 -0.90 -18.86 -15.51
CA VAL B 119 -0.82 -20.31 -15.46
C VAL B 119 0.52 -20.82 -15.02
N ASP B 120 0.54 -22.12 -14.79
CA ASP B 120 1.70 -22.88 -14.41
C ASP B 120 2.02 -22.67 -12.97
N ARG B 121 2.65 -23.68 -12.40
CA ARG B 121 3.17 -23.63 -11.04
C ARG B 121 2.07 -23.93 -10.02
N GLY B 122 1.04 -23.11 -9.99
CA GLY B 122 -0.03 -23.33 -9.01
C GLY B 122 -0.92 -24.53 -9.33
N TYR B 123 -1.62 -25.08 -8.33
CA TYR B 123 -2.55 -26.22 -8.60
C TYR B 123 -3.66 -25.84 -9.58
N PHE B 124 -4.06 -24.60 -9.55
CA PHE B 124 -5.30 -24.25 -10.18
C PHE B 124 -5.21 -23.29 -11.37
N SER B 125 -4.35 -23.60 -12.31
CA SER B 125 -4.16 -22.74 -13.50
C SER B 125 -5.38 -22.68 -14.48
N ILE B 126 -6.00 -23.82 -14.71
CA ILE B 126 -7.17 -23.84 -15.54
C ILE B 126 -8.33 -23.09 -14.88
N GLU B 127 -8.38 -23.07 -13.55
CA GLU B 127 -9.46 -22.40 -12.87
C GLU B 127 -9.30 -20.90 -12.97
N CYS B 128 -8.08 -20.43 -12.85
CA CYS B 128 -7.81 -19.04 -13.14
C CYS B 128 -8.20 -18.61 -14.59
N VAL B 129 -7.79 -19.40 -15.54
CA VAL B 129 -8.13 -19.01 -16.85
C VAL B 129 -9.63 -18.96 -16.93
N LEU B 130 -10.29 -20.01 -16.47
CA LEU B 130 -11.72 -20.09 -16.71
C LEU B 130 -12.43 -18.94 -16.03
N TYR B 131 -11.99 -18.65 -14.84
CA TYR B 131 -12.64 -17.63 -14.07
C TYR B 131 -12.41 -16.27 -14.67
N LEU B 132 -11.17 -15.95 -14.99
CA LEU B 132 -10.84 -14.65 -15.60
C LEU B 132 -11.50 -14.43 -16.97
N TRP B 133 -11.48 -15.47 -17.78
CA TRP B 133 -12.07 -15.38 -19.07
C TRP B 133 -13.56 -15.17 -18.92
N ALA B 134 -14.15 -15.74 -17.87
CA ALA B 134 -15.55 -15.58 -17.65
C ALA B 134 -15.82 -14.10 -17.35
N LEU B 135 -14.94 -13.51 -16.56
CA LEU B 135 -15.11 -12.14 -16.16
C LEU B 135 -14.91 -11.24 -17.30
N LYS B 136 -14.07 -11.63 -18.25
CA LYS B 136 -13.83 -10.85 -19.48
C LYS B 136 -15.04 -10.76 -20.41
N ILE B 137 -15.69 -11.88 -20.57
CA ILE B 137 -16.97 -11.94 -21.25
C ILE B 137 -17.99 -11.01 -20.60
N LEU B 138 -18.03 -11.07 -19.27
CA LEU B 138 -19.04 -10.38 -18.51
C LEU B 138 -18.75 -8.88 -18.39
N TYR B 139 -17.48 -8.51 -18.26
CA TYR B 139 -17.12 -7.10 -18.13
C TYR B 139 -16.05 -6.76 -19.14
N PRO B 140 -16.41 -6.86 -20.42
CA PRO B 140 -15.51 -6.75 -21.57
C PRO B 140 -14.83 -5.41 -21.62
N LYS B 141 -15.44 -4.41 -21.00
CA LYS B 141 -14.81 -3.11 -21.00
C LYS B 141 -14.32 -2.61 -19.63
N THR B 142 -14.82 -3.15 -18.53
CA THR B 142 -14.21 -2.82 -17.22
C THR B 142 -12.85 -3.55 -17.06
N LEU B 143 -12.83 -4.88 -17.27
CA LEU B 143 -11.65 -5.73 -16.97
C LEU B 143 -10.77 -6.07 -18.20
N PHE B 144 -9.44 -6.03 -18.03
CA PHE B 144 -8.49 -6.26 -19.14
C PHE B 144 -7.40 -7.28 -18.87
N LEU B 145 -6.99 -7.97 -19.95
CA LEU B 145 -5.93 -8.97 -19.85
C LEU B 145 -4.84 -8.73 -20.86
N LEU B 146 -3.61 -8.68 -20.34
CA LEU B 146 -2.43 -8.66 -21.19
C LEU B 146 -1.84 -10.03 -21.31
N ARG B 147 -0.92 -10.17 -22.25
CA ARG B 147 -0.25 -11.44 -22.44
C ARG B 147 0.98 -11.47 -21.57
N GLY B 148 1.16 -12.57 -20.84
CA GLY B 148 2.40 -12.82 -20.09
C GLY B 148 3.30 -13.80 -20.82
N ASN B 149 4.54 -13.97 -20.41
CA ASN B 149 5.41 -14.95 -21.10
C ASN B 149 4.97 -16.44 -20.98
N HIS B 150 4.15 -16.78 -19.99
CA HIS B 150 3.66 -18.17 -19.86
C HIS B 150 2.56 -18.54 -20.82
N GLU B 151 1.97 -17.54 -21.47
CA GLU B 151 0.85 -17.75 -22.38
C GLU B 151 1.34 -18.11 -23.79
N CYS B 152 1.97 -19.28 -23.79
CA CYS B 152 2.49 -19.86 -24.99
C CYS B 152 2.60 -21.37 -24.85
N ARG B 153 2.82 -22.02 -25.97
CA ARG B 153 3.02 -23.45 -26.01
C ARG B 153 4.33 -23.91 -25.33
N HIS B 154 5.42 -23.15 -25.47
CA HIS B 154 6.74 -23.61 -24.93
C HIS B 154 6.83 -23.76 -23.41
N LEU B 155 6.29 -22.79 -22.69
CA LEU B 155 6.32 -22.86 -21.23
C LEU B 155 5.28 -23.80 -20.64
N THR B 156 4.12 -23.88 -21.27
CA THR B 156 3.04 -24.68 -20.73
C THR B 156 3.22 -26.19 -21.03
N GLU B 157 4.03 -26.49 -22.05
CA GLU B 157 4.42 -27.87 -22.39
C GLU B 157 5.49 -28.31 -21.40
N TYR B 158 6.25 -27.35 -20.87
CA TYR B 158 7.33 -27.60 -19.91
C TYR B 158 6.85 -27.65 -18.46
N PHE B 159 6.05 -26.66 -18.09
CA PHE B 159 5.43 -26.64 -16.77
C PHE B 159 4.15 -27.51 -16.85
N THR B 160 3.34 -27.55 -15.81
CA THR B 160 2.30 -28.55 -15.81
C THR B 160 1.00 -28.15 -16.52
N PHE B 161 0.80 -26.89 -16.92
CA PHE B 161 -0.52 -26.49 -17.44
C PHE B 161 -1.07 -27.45 -18.52
N LYS B 162 -0.26 -27.91 -19.44
CA LYS B 162 -0.78 -28.79 -20.44
C LYS B 162 -1.34 -30.06 -19.83
N GLN B 163 -0.64 -30.56 -18.81
CA GLN B 163 -0.97 -31.79 -18.08
C GLN B 163 -2.26 -31.68 -17.27
N GLU B 164 -2.35 -30.56 -16.60
CA GLU B 164 -3.51 -30.20 -15.83
C GLU B 164 -4.74 -30.24 -16.71
N CYS B 165 -4.66 -29.64 -17.90
CA CYS B 165 -5.76 -29.68 -18.83
C CYS B 165 -6.11 -31.08 -19.25
N LYS B 166 -5.10 -31.88 -19.54
CA LYS B 166 -5.33 -33.27 -19.92
C LYS B 166 -6.07 -34.03 -18.82
N ILE B 167 -5.73 -33.81 -17.54
CA ILE B 167 -6.36 -34.53 -16.42
C ILE B 167 -7.78 -34.06 -16.22
N LYS B 168 -7.92 -32.76 -15.98
CA LYS B 168 -9.16 -32.17 -15.51
C LYS B 168 -10.15 -32.02 -16.62
N TYR B 169 -9.64 -31.75 -17.81
CA TYR B 169 -10.45 -31.65 -19.00
C TYR B 169 -9.90 -32.45 -20.15
N SER B 170 -9.34 -31.76 -21.15
CA SER B 170 -8.75 -32.41 -22.30
C SER B 170 -7.66 -31.61 -22.96
N GLU B 171 -6.98 -32.21 -23.92
CA GLU B 171 -6.02 -31.49 -24.74
C GLU B 171 -6.72 -30.37 -25.55
N ARG B 172 -7.95 -30.65 -25.99
CA ARG B 172 -8.71 -29.69 -26.81
C ARG B 172 -8.87 -28.38 -26.06
N VAL B 173 -9.08 -28.46 -24.74
CA VAL B 173 -9.24 -27.30 -23.90
C VAL B 173 -7.92 -26.60 -23.86
N TYR B 174 -6.85 -27.38 -23.73
CA TYR B 174 -5.51 -26.83 -23.70
C TYR B 174 -5.23 -26.08 -24.97
N ASP B 175 -5.57 -26.70 -26.09
CA ASP B 175 -5.36 -26.09 -27.41
C ASP B 175 -6.19 -24.84 -27.61
N ALA B 176 -7.45 -24.88 -27.21
CA ALA B 176 -8.29 -23.71 -27.21
C ALA B 176 -7.67 -22.56 -26.42
N CYS B 177 -7.05 -22.89 -25.28
CA CYS B 177 -6.41 -21.88 -24.43
C CYS B 177 -5.25 -21.27 -25.16
N MET B 178 -4.51 -22.09 -25.90
CA MET B 178 -3.32 -21.61 -26.59
C MET B 178 -3.70 -20.63 -27.66
N ASP B 179 -4.73 -20.99 -28.43
CA ASP B 179 -5.25 -20.14 -29.51
C ASP B 179 -5.82 -18.90 -28.88
N ALA B 180 -6.48 -19.02 -27.73
CA ALA B 180 -6.98 -17.82 -27.01
C ALA B 180 -5.86 -16.91 -26.47
N PHE B 181 -4.79 -17.50 -25.97
CA PHE B 181 -3.66 -16.74 -25.47
C PHE B 181 -2.99 -15.94 -26.53
N ASP B 182 -3.00 -16.43 -27.77
CA ASP B 182 -2.43 -15.71 -28.94
C ASP B 182 -3.22 -14.45 -29.31
N CYS B 183 -4.48 -14.43 -28.91
CA CYS B 183 -5.33 -13.26 -28.99
C CYS B 183 -5.11 -12.20 -27.86
N LEU B 184 -4.25 -12.49 -26.89
CA LEU B 184 -4.07 -11.57 -25.81
C LEU B 184 -3.26 -10.35 -26.32
N PRO B 185 -3.80 -9.13 -26.11
CA PRO B 185 -3.02 -7.92 -26.34
C PRO B 185 -1.69 -7.94 -25.62
N LEU B 186 -0.72 -7.17 -26.07
CA LEU B 186 0.64 -7.23 -25.51
C LEU B 186 0.95 -6.16 -24.48
N ALA B 187 0.29 -5.02 -24.68
CA ALA B 187 0.62 -3.74 -24.05
C ALA B 187 -0.65 -2.97 -23.75
N ALA B 188 -0.54 -1.95 -22.92
CA ALA B 188 -1.69 -1.13 -22.58
C ALA B 188 -1.18 0.27 -22.28
N LEU B 189 -1.89 1.27 -22.81
CA LEU B 189 -1.58 2.67 -22.60
C LEU B 189 -2.59 3.20 -21.63
N MET B 190 -2.10 3.61 -20.48
CA MET B 190 -2.97 3.78 -19.34
C MET B 190 -2.96 5.28 -19.03
N ASN B 191 -4.15 5.86 -19.13
CA ASN B 191 -4.37 7.36 -19.08
C ASN B 191 -3.80 8.33 -20.20
N GLN B 192 -3.10 7.74 -21.17
CA GLN B 192 -1.91 8.32 -21.82
C GLN B 192 -0.61 8.41 -21.01
N GLN B 193 -0.54 7.83 -19.81
CA GLN B 193 0.58 8.17 -18.94
C GLN B 193 1.51 7.01 -18.69
N PHE B 194 0.97 5.85 -18.83
CA PHE B 194 1.72 4.64 -18.49
C PHE B 194 1.73 3.76 -19.75
N LEU B 195 2.89 3.15 -19.95
CA LEU B 195 2.97 1.93 -20.70
C LEU B 195 2.96 0.80 -19.63
N CYS B 196 2.01 -0.12 -19.80
CA CYS B 196 1.90 -1.33 -19.03
C CYS B 196 2.16 -2.54 -19.92
N VAL B 197 3.15 -3.36 -19.53
CA VAL B 197 3.63 -4.49 -20.33
C VAL B 197 4.05 -5.60 -19.38
N HIS B 198 4.10 -6.85 -19.86
CA HIS B 198 4.48 -7.90 -18.93
C HIS B 198 5.95 -7.82 -18.50
N GLY B 199 6.84 -7.85 -19.49
CA GLY B 199 8.29 -7.83 -19.22
C GLY B 199 8.92 -6.44 -19.29
N GLY B 200 8.91 -5.85 -20.47
CA GLY B 200 9.50 -4.53 -20.57
C GLY B 200 9.85 -4.14 -21.97
N LEU B 201 11.01 -3.53 -22.16
CA LEU B 201 11.30 -2.89 -23.44
C LEU B 201 12.12 -3.71 -24.41
N SER B 202 12.22 -3.17 -25.62
CA SER B 202 12.93 -3.82 -26.69
C SER B 202 13.80 -2.81 -27.37
N PRO B 203 14.99 -3.23 -27.84
CA PRO B 203 15.83 -2.38 -28.71
C PRO B 203 15.09 -2.07 -30.02
N GLU B 204 14.18 -2.97 -30.41
CA GLU B 204 13.37 -2.80 -31.60
C GLU B 204 11.98 -2.19 -31.37
N ILE B 205 11.74 -1.60 -30.21
CA ILE B 205 10.51 -0.85 -30.02
C ILE B 205 10.86 0.51 -29.46
N ASN B 206 10.77 1.53 -30.32
CA ASN B 206 11.12 2.88 -29.90
C ASN B 206 9.93 3.82 -29.64
N THR B 207 8.83 3.60 -30.37
CA THR B 207 7.65 4.45 -30.30
C THR B 207 6.50 3.52 -30.01
N LEU B 208 5.40 4.07 -29.49
CA LEU B 208 4.20 3.26 -29.23
C LEU B 208 3.67 2.68 -30.54
N ASP B 209 3.79 3.41 -31.67
CA ASP B 209 3.35 2.97 -33.03
C ASP B 209 3.97 1.63 -33.38
N ASP B 210 5.18 1.39 -32.86
CA ASP B 210 5.92 0.18 -33.17
C ASP B 210 5.18 -1.02 -32.57
N ILE B 211 4.62 -0.88 -31.37
CA ILE B 211 3.82 -1.95 -30.75
C ILE B 211 2.58 -2.23 -31.60
N ARG B 212 2.01 -1.15 -32.17
CA ARG B 212 0.83 -1.24 -33.05
C ARG B 212 1.09 -2.11 -34.25
N LYS B 213 2.30 -2.04 -34.79
CA LYS B 213 2.54 -2.72 -36.04
C LYS B 213 3.02 -4.20 -35.95
N LEU B 214 3.19 -4.72 -34.73
CA LEU B 214 3.52 -6.15 -34.48
C LEU B 214 2.35 -7.08 -34.79
N ASP B 215 2.62 -8.28 -35.29
CA ASP B 215 1.56 -9.23 -35.52
C ASP B 215 1.60 -10.06 -34.29
N ARG B 216 0.60 -9.93 -33.42
CA ARG B 216 0.65 -10.59 -32.11
C ARG B 216 0.03 -11.98 -32.13
N PHE B 217 -0.76 -12.27 -33.15
CA PHE B 217 -1.57 -13.49 -33.15
C PHE B 217 -0.72 -14.70 -33.48
N LYS B 218 0.19 -15.05 -32.59
CA LYS B 218 1.05 -16.19 -32.80
C LYS B 218 1.76 -16.59 -31.53
N GLU B 219 2.46 -17.72 -31.60
CA GLU B 219 3.35 -18.14 -30.53
C GLU B 219 4.49 -17.13 -30.47
N PRO B 220 4.91 -16.73 -29.25
CA PRO B 220 6.00 -15.77 -29.12
C PRO B 220 7.28 -16.31 -29.72
N PRO B 221 7.92 -15.53 -30.58
CA PRO B 221 9.18 -16.02 -31.16
C PRO B 221 10.35 -16.04 -30.15
N ALA B 222 11.44 -16.76 -30.47
CA ALA B 222 12.64 -16.82 -29.61
C ALA B 222 13.40 -15.49 -29.55
N TYR B 223 13.24 -14.69 -30.60
CA TYR B 223 13.91 -13.40 -30.73
C TYR B 223 12.88 -12.38 -31.24
N GLY B 224 13.15 -11.11 -31.08
CA GLY B 224 12.30 -10.10 -31.68
C GLY B 224 11.68 -9.10 -30.71
N PRO B 225 10.93 -8.16 -31.27
CA PRO B 225 10.26 -7.13 -30.45
C PRO B 225 9.16 -7.74 -29.55
N MET B 226 8.42 -8.72 -30.06
CA MET B 226 7.36 -9.41 -29.33
C MET B 226 7.90 -10.24 -28.15
N CYS B 227 8.95 -11.01 -28.42
CA CYS B 227 9.62 -11.74 -27.36
C CYS B 227 10.06 -10.80 -26.24
N ASP B 228 10.68 -9.68 -26.61
CA ASP B 228 11.24 -8.68 -25.66
C ASP B 228 10.25 -8.04 -24.66
N ILE B 229 9.07 -7.66 -25.16
CA ILE B 229 7.98 -7.13 -24.33
C ILE B 229 7.62 -8.08 -23.19
N LEU B 230 7.50 -9.35 -23.57
CA LEU B 230 7.10 -10.42 -22.67
C LEU B 230 8.21 -10.86 -21.74
N TRP B 231 9.47 -10.75 -22.17
CA TRP B 231 10.59 -11.32 -21.42
C TRP B 231 11.64 -10.41 -20.77
N SER B 232 11.75 -9.15 -21.20
CA SER B 232 12.82 -8.23 -20.73
C SER B 232 12.77 -7.93 -19.20
N ASP B 233 13.93 -7.70 -18.58
CA ASP B 233 14.03 -7.33 -17.16
C ASP B 233 14.91 -6.08 -17.04
N PRO B 234 14.71 -5.28 -15.97
CA PRO B 234 15.63 -4.18 -15.73
C PRO B 234 16.98 -4.71 -15.26
N LEU B 235 18.06 -3.98 -15.52
CA LEU B 235 19.37 -4.36 -14.99
C LEU B 235 19.20 -4.63 -13.50
N GLU B 236 20.01 -5.58 -13.01
CA GLU B 236 20.00 -6.05 -11.63
C GLU B 236 20.57 -4.97 -10.69
N ASP B 237 21.32 -4.03 -11.27
CA ASP B 237 21.64 -2.74 -10.62
C ASP B 237 21.03 -1.50 -11.35
N PHE B 238 19.81 -1.62 -11.90
CA PHE B 238 19.09 -0.54 -12.64
C PHE B 238 19.03 0.80 -11.87
N GLY B 239 19.50 1.87 -12.51
CA GLY B 239 19.51 3.18 -11.88
C GLY B 239 20.84 3.52 -11.21
N ASN B 240 21.70 2.51 -11.03
CA ASN B 240 23.02 2.67 -10.45
C ASN B 240 24.09 2.01 -11.35
N GLU B 241 23.76 1.78 -12.62
CA GLU B 241 24.63 1.01 -13.52
C GLU B 241 26.02 1.63 -13.66
N LYS B 242 27.00 0.78 -13.91
CA LYS B 242 28.35 1.22 -14.26
C LYS B 242 28.30 2.24 -15.44
N THR B 243 28.14 1.71 -16.66
CA THR B 243 28.25 2.51 -17.90
C THR B 243 26.89 3.13 -18.33
N GLN B 244 26.84 3.62 -19.58
CA GLN B 244 25.59 4.03 -20.22
C GLN B 244 24.84 2.82 -20.76
N GLU B 245 25.45 1.64 -20.67
CA GLU B 245 24.91 0.36 -21.17
C GLU B 245 23.37 0.37 -21.25
N HIS B 246 22.83 0.17 -22.46
CA HIS B 246 21.38 0.28 -22.76
C HIS B 246 20.64 -1.06 -22.67
N PHE B 247 20.96 -1.96 -23.60
CA PHE B 247 20.37 -3.28 -23.66
C PHE B 247 21.50 -4.30 -23.69
N THR B 248 21.37 -5.37 -22.91
CA THR B 248 22.43 -6.35 -22.74
C THR B 248 21.73 -7.73 -22.65
N HIS B 249 22.24 -8.78 -23.32
CA HIS B 249 21.53 -10.08 -23.36
C HIS B 249 21.15 -10.55 -21.93
N ASN B 250 19.91 -11.06 -21.77
CA ASN B 250 19.39 -11.47 -20.47
C ASN B 250 19.82 -12.90 -20.11
N THR B 251 20.99 -12.95 -19.48
CA THR B 251 21.56 -14.22 -19.09
C THR B 251 20.77 -14.92 -17.97
N VAL B 252 19.90 -14.18 -17.27
CA VAL B 252 19.01 -14.74 -16.22
C VAL B 252 17.85 -15.55 -16.83
N ARG B 253 17.27 -15.02 -17.91
CA ARG B 253 16.18 -15.69 -18.63
C ARG B 253 16.73 -16.61 -19.68
N GLY B 254 17.97 -16.31 -20.09
CA GLY B 254 18.60 -17.00 -21.20
C GLY B 254 18.01 -16.58 -22.54
N CYS B 255 17.33 -15.44 -22.57
CA CYS B 255 16.98 -14.81 -23.85
C CYS B 255 16.58 -13.36 -23.63
N SER B 256 16.35 -12.65 -24.74
CA SER B 256 15.98 -11.23 -24.71
C SER B 256 16.96 -10.37 -23.90
N TYR B 257 16.50 -9.28 -23.26
CA TYR B 257 17.42 -8.25 -22.74
C TYR B 257 17.17 -7.74 -21.32
N PHE B 258 18.22 -7.15 -20.76
CA PHE B 258 18.15 -6.38 -19.55
C PHE B 258 18.16 -4.97 -20.08
N TYR B 259 17.29 -4.11 -19.59
CA TYR B 259 17.28 -2.70 -20.02
C TYR B 259 17.69 -1.83 -18.84
N SER B 260 18.25 -0.67 -19.14
CA SER B 260 18.80 0.21 -18.11
C SER B 260 17.96 1.47 -17.84
N TYR B 261 18.33 2.16 -16.78
CA TYR B 261 17.62 3.36 -16.36
C TYR B 261 17.74 4.45 -17.44
N PRO B 262 18.90 4.57 -18.12
CA PRO B 262 18.89 5.53 -19.21
C PRO B 262 18.08 5.12 -20.47
N ALA B 263 17.99 3.82 -20.77
CA ALA B 263 17.16 3.34 -21.90
C ALA B 263 15.69 3.69 -21.65
N VAL B 264 15.25 3.43 -20.44
CA VAL B 264 13.89 3.69 -20.01
C VAL B 264 13.59 5.20 -19.99
N CYS B 265 14.45 5.98 -19.36
CA CYS B 265 14.28 7.45 -19.40
C CYS B 265 14.14 7.93 -20.84
N GLU B 266 14.97 7.42 -21.75
CA GLU B 266 14.89 7.81 -23.18
C GLU B 266 13.58 7.48 -23.87
N PHE B 267 13.11 6.26 -23.64
CA PHE B 267 11.82 5.83 -24.14
C PHE B 267 10.64 6.67 -23.60
N LEU B 268 10.66 6.95 -22.29
CA LEU B 268 9.61 7.73 -21.63
C LEU B 268 9.48 9.14 -22.15
N GLN B 269 10.60 9.88 -22.18
CA GLN B 269 10.63 11.25 -22.81
C GLN B 269 10.22 11.25 -24.29
N HIS B 270 10.72 10.29 -25.08
CA HIS B 270 10.44 10.25 -26.52
C HIS B 270 8.96 9.95 -26.79
N ASN B 271 8.32 9.23 -25.89
CA ASN B 271 6.89 8.92 -26.05
C ASN B 271 6.00 9.61 -25.00
N ASN B 272 6.54 10.68 -24.38
CA ASN B 272 5.77 11.60 -23.58
C ASN B 272 5.06 10.83 -22.57
N LEU B 273 5.74 9.87 -21.94
CA LEU B 273 5.12 9.04 -20.91
C LEU B 273 5.72 9.32 -19.59
N LEU B 274 5.00 8.86 -18.57
CA LEU B 274 5.44 8.97 -17.17
C LEU B 274 6.19 7.78 -16.61
N SER B 275 5.75 6.57 -16.93
CA SER B 275 6.40 5.39 -16.37
C SER B 275 6.03 4.10 -17.11
N ILE B 276 6.78 3.03 -16.85
CA ILE B 276 6.50 1.72 -17.40
C ILE B 276 6.08 0.91 -16.18
N LEU B 277 4.91 0.30 -16.25
CA LEU B 277 4.50 -0.64 -15.22
C LEU B 277 4.63 -2.01 -15.78
N ARG B 278 5.37 -2.87 -15.12
CA ARG B 278 5.48 -4.24 -15.57
C ARG B 278 5.53 -5.21 -14.37
N ALA B 279 5.49 -6.52 -14.68
CA ALA B 279 5.39 -7.58 -13.68
C ALA B 279 6.63 -8.45 -13.77
N HIS B 280 6.48 -9.78 -13.76
CA HIS B 280 7.58 -10.67 -14.20
C HIS B 280 8.63 -10.90 -13.04
N GLU B 281 9.14 -9.82 -12.46
CA GLU B 281 9.80 -9.88 -11.14
C GLU B 281 8.73 -9.81 -10.04
N MET B 289 9.22 1.36 -6.11
CA MET B 289 10.27 2.15 -5.50
C MET B 289 11.50 2.14 -6.38
N TYR B 290 11.30 2.37 -7.68
CA TYR B 290 12.39 2.38 -8.63
C TYR B 290 12.91 3.80 -8.86
N ARG B 291 14.07 3.90 -9.49
CA ARG B 291 14.74 5.21 -9.59
C ARG B 291 13.90 6.35 -10.16
N LYS B 292 13.90 7.44 -9.40
CA LYS B 292 13.18 8.68 -9.70
C LYS B 292 13.58 9.18 -11.11
N SER B 293 12.59 9.48 -11.96
CA SER B 293 12.77 9.93 -13.35
C SER B 293 13.31 11.37 -13.42
N GLN B 294 14.32 11.56 -14.29
CA GLN B 294 15.06 12.82 -14.49
C GLN B 294 14.12 13.98 -14.94
N THR B 295 13.08 13.65 -15.73
CA THR B 295 12.12 14.63 -16.36
C THR B 295 10.62 14.61 -15.86
N THR B 296 10.29 13.76 -14.87
CA THR B 296 8.99 13.88 -14.14
C THR B 296 9.00 13.74 -12.58
N GLY B 297 10.16 13.54 -11.96
CA GLY B 297 10.22 13.43 -10.50
C GLY B 297 9.62 12.10 -10.02
N PHE B 298 9.34 11.24 -11.01
CA PHE B 298 8.37 10.18 -10.87
C PHE B 298 9.05 8.84 -11.12
N PRO B 299 8.73 7.76 -10.36
CA PRO B 299 9.46 6.51 -10.63
C PRO B 299 9.41 6.19 -12.13
N SER B 300 10.53 5.82 -12.73
CA SER B 300 10.56 5.54 -14.18
C SER B 300 9.99 4.16 -14.48
N LEU B 301 9.97 3.32 -13.45
CA LEU B 301 9.59 1.94 -13.63
C LEU B 301 8.98 1.48 -12.33
N ILE B 302 7.96 0.64 -12.46
CA ILE B 302 7.25 0.09 -11.31
C ILE B 302 7.08 -1.42 -11.45
N THR B 303 7.64 -2.16 -10.51
CA THR B 303 7.45 -3.57 -10.48
C THR B 303 6.15 -3.79 -9.75
N ILE B 304 5.30 -4.63 -10.33
CA ILE B 304 4.11 -5.11 -9.68
C ILE B 304 4.22 -6.59 -9.58
N PHE B 305 4.04 -7.05 -8.35
CA PHE B 305 4.59 -8.30 -7.94
C PHE B 305 3.80 -9.55 -8.22
N SER B 306 2.50 -9.48 -8.05
CA SER B 306 1.73 -10.68 -8.24
C SER B 306 0.34 -10.35 -7.84
N ALA B 307 -0.39 -11.41 -7.53
CA ALA B 307 -1.60 -11.32 -6.78
C ALA B 307 -1.16 -11.99 -5.49
N PRO B 308 -1.74 -11.63 -4.36
CA PRO B 308 -2.87 -10.71 -4.32
C PRO B 308 -2.47 -9.27 -4.12
N ASN B 309 -1.18 -8.96 -4.17
CA ASN B 309 -0.78 -7.59 -4.03
C ASN B 309 -0.80 -6.79 -5.35
N TYR B 310 -1.69 -5.82 -5.44
CA TYR B 310 -1.81 -5.02 -6.62
C TYR B 310 -1.41 -3.61 -6.36
N LEU B 311 -1.45 -2.84 -7.45
CA LEU B 311 -1.34 -1.36 -7.45
C LEU B 311 -2.55 -0.61 -8.12
N ASP B 312 -3.13 0.44 -7.47
CA ASP B 312 -4.24 1.24 -8.03
C ASP B 312 -3.59 2.48 -8.45
N VAL B 313 -4.12 3.03 -9.55
CA VAL B 313 -3.79 4.36 -10.09
C VAL B 313 -5.12 5.11 -10.25
N TYR B 314 -5.10 6.45 -10.14
CA TYR B 314 -6.27 7.37 -10.24
C TYR B 314 -6.25 8.51 -11.35
N ASN B 315 -7.41 9.21 -11.51
CA ASN B 315 -7.75 10.13 -12.68
C ASN B 315 -7.18 11.58 -12.76
N ASN B 316 -6.66 12.03 -11.61
CA ASN B 316 -5.97 13.34 -11.42
C ASN B 316 -4.45 13.07 -11.26
N LYS B 317 -4.21 12.01 -10.43
CA LYS B 317 -3.14 10.90 -10.40
C LYS B 317 -2.41 10.64 -9.01
N ALA B 318 -2.16 9.37 -8.69
CA ALA B 318 -1.11 8.98 -7.80
C ALA B 318 -0.81 7.46 -8.10
N ALA B 319 -0.33 6.77 -7.08
CA ALA B 319 -0.64 5.36 -6.88
C ALA B 319 -0.56 5.10 -5.40
N VAL B 320 -1.25 4.04 -5.01
CA VAL B 320 -1.04 3.34 -3.75
C VAL B 320 -0.76 1.86 -4.16
N LEU B 321 0.32 1.31 -3.67
CA LEU B 321 0.65 -0.11 -3.81
C LEU B 321 0.11 -0.85 -2.48
N LYS B 322 -0.48 -2.05 -2.63
CA LYS B 322 -1.04 -2.81 -1.45
C LYS B 322 -0.49 -4.23 -1.10
N TYR B 323 -0.04 -4.44 0.14
CA TYR B 323 0.58 -5.73 0.62
C TYR B 323 -0.11 -6.38 1.81
N GLU B 324 0.64 -7.13 2.58
CA GLU B 324 0.15 -7.66 3.89
C GLU B 324 0.95 -8.82 4.52
N ASN B 325 0.24 -9.49 5.42
CA ASN B 325 0.50 -10.84 5.81
C ASN B 325 -0.40 -11.80 4.97
N ASN B 326 -0.69 -11.44 3.70
CA ASN B 326 -1.42 -12.29 2.68
C ASN B 326 -0.52 -13.10 1.74
N VAL B 327 0.63 -13.57 2.22
CA VAL B 327 1.52 -14.44 1.40
C VAL B 327 2.23 -15.54 2.34
N MET B 328 3.10 -16.35 1.75
CA MET B 328 3.92 -17.30 2.53
C MET B 328 4.86 -18.06 1.61
N ASN B 329 5.93 -18.64 2.17
CA ASN B 329 7.01 -19.20 1.37
C ASN B 329 7.22 -20.71 1.48
N ILE B 330 8.26 -21.20 0.81
CA ILE B 330 8.79 -22.53 1.06
C ILE B 330 8.21 -23.67 0.22
N ARG B 331 8.56 -23.67 -1.07
CA ARG B 331 8.20 -24.73 -2.00
C ARG B 331 8.38 -24.30 -3.46
N GLN B 332 9.37 -24.87 -4.13
CA GLN B 332 9.55 -24.68 -5.56
C GLN B 332 10.32 -23.43 -5.92
N PHE B 333 10.90 -23.38 -7.11
CA PHE B 333 11.66 -22.21 -7.54
C PHE B 333 11.61 -21.97 -9.05
N ASN B 334 11.52 -23.06 -9.80
CA ASN B 334 11.50 -22.96 -11.25
C ASN B 334 11.60 -24.32 -11.95
N CYS B 335 10.88 -25.30 -11.43
CA CYS B 335 10.80 -26.59 -12.10
C CYS B 335 10.37 -27.71 -11.17
N SER B 336 9.52 -28.58 -11.68
CA SER B 336 9.15 -29.79 -10.96
C SER B 336 8.21 -30.63 -11.83
N PRO B 337 8.77 -31.19 -12.87
CA PRO B 337 8.05 -32.06 -13.78
C PRO B 337 8.90 -33.28 -14.06
N HIS B 338 9.04 -33.67 -15.31
CA HIS B 338 9.90 -34.80 -15.64
C HIS B 338 9.79 -35.17 -17.12
N PRO B 339 8.94 -36.14 -17.43
CA PRO B 339 8.74 -36.65 -18.78
C PRO B 339 9.82 -37.64 -19.15
FE FE C . -4.53 4.50 20.94
ZN ZN D . -5.84 7.17 20.35
P PO4 E . -6.41 5.03 22.65
O1 PO4 E . -6.50 5.48 24.08
O2 PO4 E . -7.55 4.07 22.69
O3 PO4 E . -5.06 4.38 22.38
O4 PO4 E . -6.57 6.06 21.56
FE FE F . 6.51 -14.91 -11.98
ZN ZN G . 6.35 -13.91 -15.88
P PO4 H . 8.11 -15.93 -14.70
O1 PO4 H . 6.91 -16.37 -13.86
O2 PO4 H . 8.26 -16.81 -15.92
O3 PO4 H . 9.35 -15.99 -13.83
O4 PO4 H . 7.96 -14.51 -15.18
#